data_5VKJ
#
_entry.id   5VKJ
#
_cell.length_a   126.807
_cell.length_b   56.569
_cell.length_c   49.434
_cell.angle_alpha   90.00
_cell.angle_beta   110.70
_cell.angle_gamma   90.00
#
_symmetry.space_group_name_H-M   'C 1 2 1'
#
loop_
_entity.id
_entity.type
_entity.pdbx_description
1 polymer 'B-cell receptor CD22'
2 branched alpha-D-mannopyranose-(1-3)-[alpha-D-mannopyranose-(1-6)]beta-D-mannopyranose-(1-4)-2-acetamido-2-deoxy-beta-D-glucopyranose-(1-4)-2-acetamido-2-deoxy-beta-D-glucopyranose
3 non-polymer GLYCEROL
4 water water
#
_entity_poly.entity_id   1
_entity_poly.type   'polypeptide(L)'
_entity_poly.pdbx_seq_one_letter_code
;ETGDSSKWVFEHPETLYAWEGACVWIPCTYRALDGDLESFILFHNPEYNKATSKFDGTRLYESTKDGKVPSEQKRVQFLG
DKNKNCTLSIHPVHLADSGQLGLRMESKTEKWMERIHLAVSERPFPPHIQLPPEIQESQEVTLTCLLAFSCYGYPIQLQW
LLEGVPMRQAAVTSTSLTIKSVFTRSELKFSPQWSHHGKIVTCQLQDADGKFLSADTVQLNVKHTPKLEIKVTPSDAIVR
EGDSVTMTCEVSSSNPEYTTVSWLKDGTSLKKQNTFTLNLREVTKDQSGKYCCQVSNDVGPGRSEEVFLQVQYAGGTKHH
HHHH
;
_entity_poly.pdbx_strand_id   A
#
# COMPACT_ATOMS: atom_id res chain seq x y z
N GLU A 1 -5.77 -38.99 -8.45
CA GLU A 1 -4.56 -38.77 -7.66
C GLU A 1 -4.02 -40.08 -7.09
N THR A 2 -2.93 -40.57 -7.68
CA THR A 2 -2.22 -41.74 -7.18
C THR A 2 -0.77 -41.34 -6.89
N GLY A 3 -0.60 -40.49 -5.88
CA GLY A 3 0.71 -40.00 -5.52
C GLY A 3 0.99 -40.17 -4.05
N ASP A 4 2.28 -40.30 -3.73
CA ASP A 4 2.76 -40.44 -2.36
C ASP A 4 3.43 -39.13 -1.97
N SER A 5 2.78 -38.37 -1.08
CA SER A 5 3.29 -37.06 -0.70
C SER A 5 4.64 -37.14 0.02
N SER A 6 4.97 -38.28 0.60
CA SER A 6 6.26 -38.44 1.27
C SER A 6 7.41 -38.59 0.28
N LYS A 7 7.12 -38.76 -1.01
CA LYS A 7 8.15 -38.90 -2.04
C LYS A 7 8.44 -37.60 -2.76
N TRP A 8 7.72 -36.52 -2.45
CA TRP A 8 7.86 -35.26 -3.16
C TRP A 8 7.80 -34.11 -2.17
N VAL A 9 8.60 -33.07 -2.44
CA VAL A 9 8.56 -31.82 -1.70
C VAL A 9 8.65 -30.68 -2.71
N PHE A 10 7.78 -29.69 -2.56
CA PHE A 10 7.74 -28.56 -3.49
C PHE A 10 7.79 -27.25 -2.71
N GLU A 11 8.41 -26.24 -3.34
CA GLU A 11 8.47 -24.89 -2.79
C GLU A 11 8.22 -23.92 -3.94
N HIS A 12 7.11 -23.21 -3.89
CA HIS A 12 6.71 -22.28 -4.93
C HIS A 12 5.64 -21.36 -4.38
N PRO A 13 5.46 -20.18 -4.97
CA PRO A 13 4.28 -19.36 -4.62
C PRO A 13 3.01 -20.10 -5.04
N GLU A 14 2.18 -20.43 -4.06
CA GLU A 14 1.00 -21.23 -4.31
C GLU A 14 -0.05 -20.49 -5.14
N THR A 15 0.09 -19.17 -5.31
CA THR A 15 -0.78 -18.41 -6.20
C THR A 15 0.02 -17.26 -6.79
N LEU A 16 0.01 -17.16 -8.12
CA LEU A 16 0.68 -16.07 -8.82
C LEU A 16 -0.34 -15.26 -9.60
N TYR A 17 -0.10 -13.95 -9.67
CA TYR A 17 -1.02 -13.01 -10.30
C TYR A 17 -0.33 -12.33 -11.49
N ALA A 18 -1.10 -12.10 -12.53
CA ALA A 18 -0.63 -11.38 -13.71
C ALA A 18 -1.85 -10.80 -14.41
N TRP A 19 -1.64 -10.19 -15.58
CA TRP A 19 -2.74 -9.66 -16.37
C TRP A 19 -2.46 -9.90 -17.85
N GLU A 20 -3.49 -9.73 -18.66
CA GLU A 20 -3.40 -10.00 -20.09
C GLU A 20 -2.32 -9.13 -20.74
N GLY A 21 -1.48 -9.76 -21.55
CA GLY A 21 -0.41 -9.06 -22.24
C GLY A 21 0.90 -8.98 -21.48
N ALA A 22 0.90 -9.26 -20.18
CA ALA A 22 2.12 -9.25 -19.39
C ALA A 22 2.75 -10.64 -19.45
N CYS A 23 3.58 -10.97 -18.47
CA CYS A 23 4.17 -12.31 -18.37
C CYS A 23 4.13 -12.76 -16.91
N VAL A 24 4.27 -14.06 -16.71
CA VAL A 24 4.36 -14.64 -15.39
C VAL A 24 5.66 -15.43 -15.29
N TRP A 25 6.34 -15.30 -14.17
CA TRP A 25 7.57 -16.03 -13.89
C TRP A 25 7.39 -16.75 -12.57
N ILE A 26 7.41 -18.08 -12.62
CA ILE A 26 7.01 -18.90 -11.48
C ILE A 26 8.22 -19.59 -10.87
N PRO A 27 8.80 -19.05 -9.82
CA PRO A 27 9.90 -19.76 -9.15
C PRO A 27 9.41 -21.04 -8.51
N CYS A 28 10.20 -22.10 -8.65
CA CYS A 28 9.78 -23.43 -8.20
C CYS A 28 10.99 -24.30 -8.02
N THR A 29 11.11 -24.92 -6.84
CA THR A 29 12.11 -25.93 -6.57
C THR A 29 11.44 -27.16 -6.00
N TYR A 30 12.06 -28.31 -6.17
CA TYR A 30 11.47 -29.56 -5.70
C TYR A 30 12.58 -30.56 -5.38
N ARG A 31 12.19 -31.62 -4.68
CA ARG A 31 13.04 -32.78 -4.45
C ARG A 31 12.20 -34.04 -4.65
N ALA A 32 12.66 -34.94 -5.51
CA ALA A 32 12.02 -36.21 -5.76
C ALA A 32 12.84 -37.30 -5.09
N LEU A 33 12.27 -37.91 -4.05
CA LEU A 33 12.96 -38.99 -3.35
C LEU A 33 13.17 -40.20 -4.24
N ASP A 34 12.39 -40.34 -5.30
CA ASP A 34 12.49 -41.46 -6.22
C ASP A 34 13.52 -41.24 -7.32
N GLY A 35 14.21 -40.11 -7.32
CA GLY A 35 15.27 -39.86 -8.27
C GLY A 35 14.90 -38.83 -9.32
N ASP A 36 15.66 -38.85 -10.42
CA ASP A 36 15.50 -37.86 -11.47
C ASP A 36 14.18 -38.05 -12.21
N LEU A 37 13.68 -36.97 -12.79
CA LEU A 37 12.46 -37.02 -13.59
C LEU A 37 12.72 -37.76 -14.90
N GLU A 38 11.70 -38.50 -15.36
CA GLU A 38 11.72 -39.10 -16.68
C GLU A 38 10.77 -38.41 -17.65
N SER A 39 9.84 -37.59 -17.16
CA SER A 39 8.93 -36.85 -18.02
C SER A 39 8.30 -35.73 -17.20
N PHE A 40 8.04 -34.60 -17.87
CA PHE A 40 7.34 -33.47 -17.27
C PHE A 40 6.31 -32.95 -18.24
N ILE A 41 5.07 -32.78 -17.76
CA ILE A 41 3.98 -32.23 -18.56
C ILE A 41 3.33 -31.12 -17.76
N LEU A 42 3.13 -29.96 -18.40
CA LEU A 42 2.45 -28.83 -17.77
C LEU A 42 1.02 -28.79 -18.27
N PHE A 43 0.08 -29.09 -17.39
CA PHE A 43 -1.35 -29.04 -17.71
C PHE A 43 -1.93 -27.68 -17.36
N HIS A 44 -3.05 -27.36 -18.00
CA HIS A 44 -3.90 -26.25 -17.59
C HIS A 44 -5.26 -26.81 -17.21
N ASN A 45 -5.67 -26.58 -15.97
CA ASN A 45 -6.89 -27.14 -15.42
C ASN A 45 -7.00 -28.65 -15.66
N PRO A 46 -6.09 -29.44 -15.12
CA PRO A 46 -6.15 -30.89 -15.34
C PRO A 46 -7.30 -31.51 -14.56
N GLU A 47 -7.87 -32.56 -15.15
CA GLU A 47 -8.95 -33.32 -14.52
C GLU A 47 -8.58 -34.80 -14.56
N TYR A 48 -8.62 -35.44 -13.40
CA TYR A 48 -8.26 -36.85 -13.31
C TYR A 48 -9.41 -37.71 -13.82
N ASN A 49 -9.12 -38.55 -14.81
CA ASN A 49 -10.11 -39.47 -15.38
C ASN A 49 -9.95 -40.83 -14.72
N LYS A 50 -10.99 -41.27 -14.00
CA LYS A 50 -10.94 -42.55 -13.32
C LYS A 50 -10.99 -43.72 -14.29
N ALA A 51 -11.44 -43.51 -15.53
CA ALA A 51 -11.53 -44.60 -16.49
C ALA A 51 -10.15 -45.09 -16.90
N THR A 52 -9.32 -44.19 -17.43
CA THR A 52 -7.98 -44.54 -17.87
C THR A 52 -6.92 -44.33 -16.80
N SER A 53 -7.32 -43.87 -15.61
CA SER A 53 -6.38 -43.58 -14.51
C SER A 53 -5.32 -42.58 -14.96
N LYS A 54 -5.73 -41.59 -15.76
CA LYS A 54 -4.82 -40.58 -16.29
C LYS A 54 -5.48 -39.22 -16.18
N PHE A 55 -4.66 -38.18 -16.32
CA PHE A 55 -5.13 -36.80 -16.26
C PHE A 55 -5.46 -36.30 -17.66
N ASP A 56 -6.68 -35.82 -17.84
CA ASP A 56 -7.09 -35.17 -19.07
C ASP A 56 -6.98 -33.65 -18.92
N GLY A 57 -6.90 -32.97 -20.05
CA GLY A 57 -6.82 -31.52 -20.03
C GLY A 57 -5.82 -30.95 -21.02
N THR A 58 -5.78 -29.62 -21.12
CA THR A 58 -4.89 -28.96 -22.06
C THR A 58 -3.45 -29.07 -21.60
N ARG A 59 -2.57 -29.47 -22.52
CA ARG A 59 -1.14 -29.60 -22.25
C ARG A 59 -0.43 -28.36 -22.78
N LEU A 60 0.10 -27.55 -21.86
CA LEU A 60 0.82 -26.34 -22.25
C LEU A 60 2.29 -26.61 -22.55
N TYR A 61 2.85 -27.72 -22.06
CA TYR A 61 4.24 -28.07 -22.29
C TYR A 61 4.40 -29.56 -22.10
N GLU A 62 5.12 -30.21 -23.03
CA GLU A 62 5.43 -31.62 -22.93
C GLU A 62 6.93 -31.80 -23.12
N SER A 63 7.56 -32.53 -22.19
CA SER A 63 9.01 -32.69 -22.24
C SER A 63 9.45 -33.47 -23.47
N THR A 64 8.58 -34.31 -24.03
CA THR A 64 8.94 -35.10 -25.20
C THR A 64 8.79 -34.31 -26.50
N LYS A 65 7.94 -33.29 -26.53
CA LYS A 65 7.73 -32.48 -27.72
C LYS A 65 8.40 -31.11 -27.60
N ASP A 66 8.00 -30.31 -26.62
CA ASP A 66 8.54 -28.97 -26.47
C ASP A 66 9.98 -29.00 -25.97
N GLY A 67 10.35 -30.03 -25.20
CA GLY A 67 11.71 -30.17 -24.71
C GLY A 67 12.72 -30.57 -25.76
N LYS A 68 12.28 -30.83 -26.99
CA LYS A 68 13.17 -31.17 -28.09
C LYS A 68 13.24 -30.08 -29.15
N VAL A 69 12.59 -28.93 -28.91
CA VAL A 69 12.52 -27.84 -29.88
C VAL A 69 13.21 -26.62 -29.28
N PRO A 70 13.92 -25.80 -30.07
CA PRO A 70 14.43 -24.52 -29.54
C PRO A 70 13.36 -23.71 -28.84
N SER A 71 13.55 -23.46 -27.55
CA SER A 71 12.49 -22.92 -26.71
C SER A 71 12.57 -21.41 -26.52
N GLU A 72 13.62 -20.75 -27.02
CA GLU A 72 13.71 -19.30 -26.87
C GLU A 72 12.54 -18.57 -27.52
N GLN A 73 11.89 -19.20 -28.50
CA GLN A 73 10.73 -18.60 -29.15
C GLN A 73 9.45 -18.84 -28.38
N LYS A 74 9.39 -19.91 -27.60
CA LYS A 74 8.11 -20.43 -27.12
C LYS A 74 7.48 -19.52 -26.07
N ARG A 75 6.14 -19.52 -26.06
CA ARG A 75 5.39 -18.77 -25.06
C ARG A 75 5.48 -19.43 -23.70
N VAL A 76 5.31 -20.75 -23.64
CA VAL A 76 5.40 -21.52 -22.40
C VAL A 76 6.75 -22.23 -22.39
N GLN A 77 7.57 -21.92 -21.38
CA GLN A 77 8.91 -22.50 -21.27
C GLN A 77 9.08 -23.12 -19.89
N PHE A 78 9.60 -24.35 -19.87
CA PHE A 78 10.00 -25.01 -18.62
C PHE A 78 11.48 -24.73 -18.41
N LEU A 79 11.80 -23.93 -17.40
CA LEU A 79 13.17 -23.52 -17.12
C LEU A 79 13.83 -24.37 -16.04
N GLY A 80 13.27 -25.53 -15.71
CA GLY A 80 13.80 -26.38 -14.66
C GLY A 80 14.70 -27.46 -15.20
N ASP A 81 14.97 -28.44 -14.33
CA ASP A 81 15.81 -29.57 -14.70
C ASP A 81 15.18 -30.87 -14.18
N LYS A 82 16.03 -31.87 -13.93
CA LYS A 82 15.57 -33.22 -13.66
C LYS A 82 15.49 -33.56 -12.18
N ASN A 83 15.91 -32.67 -11.27
CA ASN A 83 15.98 -33.07 -9.88
C ASN A 83 15.66 -31.98 -8.86
N LYS A 84 15.84 -30.71 -9.22
CA LYS A 84 15.71 -29.66 -8.20
C LYS A 84 14.98 -28.40 -8.62
N ASN A 85 14.71 -28.18 -9.90
CA ASN A 85 14.19 -26.91 -10.39
C ASN A 85 12.96 -27.17 -11.25
N CYS A 86 11.86 -26.48 -10.93
CA CYS A 86 10.61 -26.61 -11.68
C CYS A 86 10.08 -25.24 -12.10
N THR A 87 10.97 -24.27 -12.29
CA THR A 87 10.56 -22.92 -12.64
C THR A 87 9.88 -22.89 -14.00
N LEU A 88 8.76 -22.16 -14.07
CA LEU A 88 7.99 -22.01 -15.28
C LEU A 88 8.01 -20.55 -15.75
N SER A 89 7.78 -20.36 -17.05
CA SER A 89 7.74 -19.04 -17.65
C SER A 89 6.70 -19.03 -18.77
N ILE A 90 5.82 -18.04 -18.75
CA ILE A 90 4.79 -17.86 -19.77
C ILE A 90 4.87 -16.41 -20.23
N HIS A 91 5.27 -16.21 -21.48
CA HIS A 91 5.52 -14.86 -21.99
C HIS A 91 5.14 -14.79 -23.46
N PRO A 92 4.03 -14.09 -23.81
CA PRO A 92 3.15 -13.39 -22.87
C PRO A 92 2.11 -14.30 -22.22
N VAL A 93 1.58 -13.87 -21.09
CA VAL A 93 0.52 -14.61 -20.40
C VAL A 93 -0.82 -14.09 -20.88
N HIS A 94 -1.80 -14.98 -20.96
CA HIS A 94 -3.12 -14.67 -21.51
C HIS A 94 -4.20 -14.95 -20.49
N LEU A 95 -5.37 -14.32 -20.70
CA LEU A 95 -6.51 -14.56 -19.84
C LEU A 95 -6.94 -16.02 -19.87
N ALA A 96 -6.71 -16.71 -20.99
CA ALA A 96 -7.04 -18.13 -21.08
C ALA A 96 -6.14 -18.99 -20.22
N ASP A 97 -4.98 -18.47 -19.79
CA ASP A 97 -4.11 -19.20 -18.88
C ASP A 97 -4.62 -19.20 -17.44
N SER A 98 -5.65 -18.40 -17.13
CA SER A 98 -6.14 -18.32 -15.76
C SER A 98 -6.77 -19.65 -15.35
N GLY A 99 -6.51 -20.04 -14.11
CA GLY A 99 -6.91 -21.35 -13.62
C GLY A 99 -5.81 -21.95 -12.77
N GLN A 100 -5.70 -23.27 -12.77
CA GLN A 100 -4.62 -23.94 -12.05
C GLN A 100 -3.67 -24.59 -13.04
N LEU A 101 -2.38 -24.47 -12.77
CA LEU A 101 -1.34 -25.08 -13.58
C LEU A 101 -1.00 -26.46 -12.99
N GLY A 102 -1.06 -27.48 -13.83
CA GLY A 102 -0.78 -28.83 -13.38
C GLY A 102 0.60 -29.31 -13.76
N LEU A 103 1.50 -29.35 -12.79
CA LEU A 103 2.87 -29.82 -13.01
C LEU A 103 2.88 -31.33 -12.85
N ARG A 104 2.68 -32.04 -13.95
CA ARG A 104 2.65 -33.50 -13.96
C ARG A 104 4.08 -34.01 -14.09
N MET A 105 4.56 -34.69 -13.05
CA MET A 105 5.94 -35.14 -13.00
C MET A 105 6.00 -36.64 -12.73
N GLU A 106 6.96 -37.30 -13.35
CA GLU A 106 7.13 -38.74 -13.23
C GLU A 106 8.61 -39.06 -13.02
N SER A 107 8.90 -39.84 -11.99
CA SER A 107 10.21 -40.41 -11.80
C SER A 107 10.21 -41.84 -12.35
N LYS A 108 11.12 -42.68 -11.85
CA LYS A 108 11.21 -44.04 -12.37
C LYS A 108 10.01 -44.89 -11.95
N THR A 109 9.50 -44.68 -10.73
CA THR A 109 8.36 -45.44 -10.24
C THR A 109 7.27 -44.58 -9.63
N GLU A 110 7.43 -43.27 -9.58
CA GLU A 110 6.46 -42.38 -8.93
C GLU A 110 5.95 -41.34 -9.91
N LYS A 111 4.68 -40.96 -9.73
CA LYS A 111 4.04 -39.89 -10.48
C LYS A 111 3.43 -38.91 -9.50
N TRP A 112 3.43 -37.63 -9.88
CA TRP A 112 2.89 -36.60 -9.01
C TRP A 112 2.34 -35.46 -9.84
N MET A 113 1.26 -34.85 -9.34
CA MET A 113 0.65 -33.67 -9.94
C MET A 113 0.68 -32.54 -8.93
N GLU A 114 1.57 -31.58 -9.15
CA GLU A 114 1.67 -30.40 -8.28
C GLU A 114 0.92 -29.25 -8.92
N ARG A 115 0.01 -28.65 -8.17
CA ARG A 115 -0.90 -27.63 -8.69
C ARG A 115 -0.48 -26.25 -8.22
N ILE A 116 -0.46 -25.30 -9.14
CA ILE A 116 -0.18 -23.89 -8.86
C ILE A 116 -1.27 -23.06 -9.51
N HIS A 117 -1.91 -22.19 -8.74
CA HIS A 117 -2.97 -21.36 -9.28
C HIS A 117 -2.39 -20.12 -9.95
N LEU A 118 -2.87 -19.82 -11.15
CA LEU A 118 -2.47 -18.65 -11.92
C LEU A 118 -3.71 -17.78 -12.13
N ALA A 119 -3.73 -16.61 -11.48
CA ALA A 119 -4.85 -15.68 -11.58
C ALA A 119 -4.46 -14.57 -12.55
N VAL A 120 -5.06 -14.58 -13.74
CA VAL A 120 -4.80 -13.58 -14.77
C VAL A 120 -6.05 -12.73 -14.92
N SER A 121 -5.91 -11.43 -14.74
CA SER A 121 -6.99 -10.48 -14.94
C SER A 121 -6.90 -9.89 -16.34
N GLU A 122 -8.04 -9.46 -16.87
CA GLU A 122 -8.06 -8.89 -18.21
C GLU A 122 -7.32 -7.56 -18.26
N ARG A 123 -7.50 -6.73 -17.24
CA ARG A 123 -6.78 -5.47 -17.11
C ARG A 123 -5.73 -5.56 -16.02
N PRO A 124 -4.68 -4.74 -16.09
CA PRO A 124 -3.70 -4.69 -14.99
C PRO A 124 -4.39 -4.34 -13.67
N PHE A 125 -4.21 -5.21 -12.67
CA PHE A 125 -4.85 -4.94 -11.39
C PHE A 125 -4.11 -3.83 -10.65
N PRO A 126 -4.81 -3.10 -9.77
CA PRO A 126 -4.19 -1.96 -9.11
C PRO A 126 -3.22 -2.43 -8.04
N PRO A 127 -2.20 -1.62 -7.73
CA PRO A 127 -1.37 -1.92 -6.56
C PRO A 127 -2.12 -1.67 -5.27
N HIS A 128 -1.45 -1.79 -4.12
CA HIS A 128 -2.09 -1.61 -2.83
C HIS A 128 -1.21 -0.72 -1.97
N ILE A 129 -1.74 0.42 -1.54
CA ILE A 129 -1.04 1.32 -0.64
C ILE A 129 -1.25 0.84 0.79
N GLN A 130 -0.16 0.68 1.53
CA GLN A 130 -0.20 0.28 2.93
C GLN A 130 0.28 1.44 3.79
N LEU A 131 -0.59 1.90 4.68
CA LEU A 131 -0.32 3.02 5.57
C LEU A 131 -0.27 2.54 7.03
N PRO A 132 0.50 3.22 7.88
CA PRO A 132 0.37 2.97 9.31
C PRO A 132 -1.01 3.38 9.78
N PRO A 133 -1.56 2.68 10.78
CA PRO A 133 -2.93 3.01 11.22
C PRO A 133 -3.03 4.40 11.85
N GLU A 134 -1.94 4.90 12.43
CA GLU A 134 -1.93 6.22 13.05
C GLU A 134 -0.89 7.08 12.35
N ILE A 135 -1.35 8.18 11.75
CA ILE A 135 -0.48 9.17 11.13
C ILE A 135 -0.80 10.53 11.73
N GLN A 136 0.21 11.22 12.23
CA GLN A 136 0.06 12.53 12.81
C GLN A 136 1.06 13.50 12.19
N GLU A 137 0.85 14.79 12.46
CA GLU A 137 1.67 15.83 11.86
C GLU A 137 3.11 15.74 12.37
N SER A 138 4.04 16.16 11.52
CA SER A 138 5.47 16.24 11.84
C SER A 138 6.09 14.87 12.12
N GLN A 139 5.39 13.80 11.76
CA GLN A 139 5.90 12.44 11.88
C GLN A 139 6.38 11.96 10.52
N GLU A 140 7.54 11.32 10.49
CA GLU A 140 8.06 10.74 9.26
C GLU A 140 7.50 9.34 9.09
N VAL A 141 6.71 9.14 8.03
CA VAL A 141 6.09 7.86 7.74
C VAL A 141 6.65 7.33 6.44
N THR A 142 6.73 6.01 6.33
CA THR A 142 7.14 5.33 5.11
C THR A 142 5.89 4.86 4.40
N LEU A 143 5.58 5.49 3.26
CA LEU A 143 4.47 5.05 2.43
C LEU A 143 4.90 3.84 1.63
N THR A 144 4.12 2.76 1.70
CA THR A 144 4.44 1.50 1.06
C THR A 144 3.40 1.19 0.00
N CYS A 145 3.84 0.94 -1.22
CA CYS A 145 2.99 0.52 -2.32
C CYS A 145 3.37 -0.90 -2.71
N LEU A 146 2.41 -1.81 -2.60
CA LEU A 146 2.66 -3.23 -2.84
C LEU A 146 1.87 -3.70 -4.06
N LEU A 147 2.57 -4.35 -4.99
CA LEU A 147 1.95 -4.99 -6.15
C LEU A 147 2.37 -6.46 -6.16
N ALA A 148 1.39 -7.35 -6.15
CA ALA A 148 1.66 -8.79 -6.13
C ALA A 148 1.98 -9.30 -7.52
N PHE A 149 3.02 -8.71 -8.12
CA PHE A 149 3.43 -9.07 -9.47
C PHE A 149 4.89 -8.71 -9.68
N SER A 150 5.58 -9.56 -10.43
CA SER A 150 6.93 -9.29 -10.91
C SER A 150 7.31 -10.36 -11.93
N CYS A 151 7.74 -9.93 -13.11
CA CYS A 151 8.16 -10.84 -14.17
C CYS A 151 9.23 -10.15 -15.00
N TYR A 152 10.28 -10.91 -15.34
CA TYR A 152 11.44 -10.37 -16.04
C TYR A 152 11.09 -9.84 -17.42
N GLY A 153 10.23 -10.55 -18.15
CA GLY A 153 9.88 -10.11 -19.50
C GLY A 153 9.08 -8.82 -19.56
N TYR A 154 8.55 -8.35 -18.43
CA TYR A 154 7.68 -7.17 -18.40
C TYR A 154 8.03 -6.30 -17.21
N PRO A 155 9.04 -5.44 -17.35
CA PRO A 155 9.39 -4.54 -16.25
C PRO A 155 8.35 -3.44 -16.07
N ILE A 156 8.22 -2.99 -14.82
CA ILE A 156 7.21 -2.01 -14.43
C ILE A 156 7.84 -1.01 -13.47
N GLN A 157 7.05 0.00 -13.09
CA GLN A 157 7.50 1.01 -12.14
C GLN A 157 6.29 1.52 -11.38
N LEU A 158 6.53 1.91 -10.12
CA LEU A 158 5.51 2.46 -9.25
C LEU A 158 5.83 3.94 -9.00
N GLN A 159 4.86 4.81 -9.28
CA GLN A 159 5.06 6.26 -9.21
C GLN A 159 4.14 6.84 -8.16
N TRP A 160 4.73 7.53 -7.18
CA TRP A 160 3.96 8.16 -6.12
C TRP A 160 3.47 9.54 -6.54
N LEU A 161 2.21 9.83 -6.25
CA LEU A 161 1.59 11.11 -6.56
C LEU A 161 0.93 11.68 -5.31
N LEU A 162 0.99 13.01 -5.17
CA LEU A 162 0.30 13.71 -4.10
C LEU A 162 -0.54 14.81 -4.74
N GLU A 163 -1.87 14.63 -4.69
CA GLU A 163 -2.81 15.53 -5.34
C GLU A 163 -2.50 15.66 -6.84
N GLY A 164 -2.27 14.52 -7.48
CA GLY A 164 -2.02 14.47 -8.90
C GLY A 164 -0.64 14.92 -9.35
N VAL A 165 0.23 15.26 -8.42
CA VAL A 165 1.57 15.75 -8.74
C VAL A 165 2.59 14.71 -8.25
N PRO A 166 3.57 14.33 -9.07
CA PRO A 166 4.60 13.39 -8.59
C PRO A 166 5.33 13.96 -7.38
N MET A 167 5.47 13.12 -6.36
CA MET A 167 6.09 13.57 -5.11
C MET A 167 7.59 13.76 -5.29
N ARG A 168 8.11 14.82 -4.69
CA ARG A 168 9.52 15.16 -4.86
C ARG A 168 10.43 14.18 -4.13
N GLN A 169 9.94 13.54 -3.08
CA GLN A 169 10.77 12.63 -2.31
C GLN A 169 11.16 11.42 -3.15
N ALA A 170 12.38 10.93 -2.93
CA ALA A 170 12.83 9.73 -3.64
C ALA A 170 12.18 8.50 -3.04
N ALA A 171 11.80 7.57 -3.93
CA ALA A 171 11.18 6.31 -3.52
C ALA A 171 12.14 5.16 -3.75
N VAL A 172 12.07 4.16 -2.89
CA VAL A 172 12.90 2.97 -2.96
C VAL A 172 12.05 1.82 -3.48
N THR A 173 12.38 1.31 -4.66
CA THR A 173 11.65 0.23 -5.29
C THR A 173 12.40 -1.07 -5.11
N SER A 174 11.73 -2.08 -4.56
CA SER A 174 12.31 -3.39 -4.34
C SER A 174 11.39 -4.46 -4.92
N THR A 175 11.98 -5.53 -5.43
CA THR A 175 11.25 -6.63 -6.02
C THR A 175 11.67 -7.95 -5.39
N SER A 176 10.73 -8.89 -5.35
CA SER A 176 10.99 -10.24 -4.90
C SER A 176 10.40 -11.22 -5.90
N LEU A 177 11.21 -12.16 -6.36
CA LEU A 177 10.80 -13.16 -7.34
C LEU A 177 11.39 -14.51 -6.89
N THR A 178 10.90 -15.00 -5.75
CA THR A 178 11.43 -16.19 -5.12
C THR A 178 10.34 -17.26 -4.99
N ILE A 179 10.76 -18.43 -4.51
CA ILE A 179 9.82 -19.51 -4.24
C ILE A 179 8.88 -19.18 -3.08
N LYS A 180 9.19 -18.14 -2.31
CA LYS A 180 8.38 -17.78 -1.15
C LYS A 180 7.35 -16.70 -1.47
N SER A 181 7.74 -15.67 -2.21
CA SER A 181 6.81 -14.58 -2.51
C SER A 181 7.23 -13.88 -3.79
N VAL A 182 6.24 -13.34 -4.49
CA VAL A 182 6.43 -12.58 -5.73
C VAL A 182 5.71 -11.25 -5.58
N PHE A 183 6.47 -10.16 -5.60
CA PHE A 183 5.87 -8.83 -5.48
C PHE A 183 6.84 -7.77 -5.97
N THR A 184 6.29 -6.57 -6.18
CA THR A 184 7.07 -5.36 -6.40
C THR A 184 6.65 -4.35 -5.35
N ARG A 185 7.62 -3.79 -4.63
CA ARG A 185 7.34 -2.86 -3.55
C ARG A 185 8.01 -1.51 -3.83
N SER A 186 7.33 -0.44 -3.42
CA SER A 186 7.88 0.91 -3.48
C SER A 186 7.68 1.57 -2.12
N GLU A 187 8.75 2.12 -1.57
CA GLU A 187 8.71 2.78 -0.26
C GLU A 187 9.18 4.21 -0.41
N LEU A 188 8.39 5.16 0.10
CA LEU A 188 8.70 6.58 0.02
C LEU A 188 8.58 7.19 1.41
N LYS A 189 9.68 7.78 1.88
CA LYS A 189 9.66 8.49 3.16
C LYS A 189 8.98 9.83 2.98
N PHE A 190 8.16 10.21 3.97
CA PHE A 190 7.26 11.34 3.82
C PHE A 190 6.87 11.84 5.21
N SER A 191 6.98 13.16 5.40
CA SER A 191 6.65 13.80 6.67
C SER A 191 5.39 14.65 6.47
N PRO A 192 4.20 14.08 6.66
CA PRO A 192 2.98 14.86 6.44
C PRO A 192 2.78 15.92 7.52
N GLN A 193 2.22 17.05 7.09
CA GLN A 193 1.81 18.12 7.99
C GLN A 193 0.30 18.11 8.10
N TRP A 194 -0.23 19.05 8.91
CA TRP A 194 -1.67 19.11 9.13
C TRP A 194 -2.43 19.35 7.82
N SER A 195 -1.83 20.07 6.88
CA SER A 195 -2.50 20.39 5.63
C SER A 195 -2.63 19.19 4.71
N HIS A 196 -1.90 18.11 4.95
CA HIS A 196 -2.04 16.90 4.15
C HIS A 196 -3.26 16.07 4.52
N HIS A 197 -3.95 16.42 5.61
CA HIS A 197 -5.15 15.68 5.99
C HIS A 197 -6.25 15.86 4.94
N GLY A 198 -6.85 14.75 4.53
CA GLY A 198 -7.87 14.78 3.50
C GLY A 198 -7.36 14.80 2.08
N LYS A 199 -6.05 14.94 1.88
CA LYS A 199 -5.50 14.95 0.54
C LYS A 199 -5.36 13.53 0.00
N ILE A 200 -5.21 13.43 -1.32
CA ILE A 200 -5.20 12.15 -2.02
C ILE A 200 -3.77 11.78 -2.37
N VAL A 201 -3.36 10.57 -1.99
CA VAL A 201 -2.08 10.00 -2.36
C VAL A 201 -2.34 8.86 -3.34
N THR A 202 -1.63 8.89 -4.47
CA THR A 202 -1.82 7.92 -5.54
C THR A 202 -0.52 7.18 -5.79
N CYS A 203 -0.61 5.86 -5.94
CA CYS A 203 0.48 5.02 -6.41
C CYS A 203 0.07 4.47 -7.78
N GLN A 204 0.76 4.92 -8.82
CA GLN A 204 0.46 4.50 -10.18
C GLN A 204 1.36 3.35 -10.59
N LEU A 205 0.76 2.33 -11.20
CA LEU A 205 1.51 1.28 -11.88
C LEU A 205 1.71 1.70 -13.32
N GLN A 206 2.97 1.73 -13.77
CA GLN A 206 3.30 2.14 -15.12
C GLN A 206 4.22 1.09 -15.74
N ASP A 207 4.27 1.07 -17.07
CA ASP A 207 5.17 0.17 -17.77
C ASP A 207 6.58 0.76 -17.77
N ALA A 208 7.50 0.12 -18.49
CA ALA A 208 8.88 0.62 -18.53
C ALA A 208 8.95 2.00 -19.17
N ASP A 209 8.08 2.28 -20.15
CA ASP A 209 8.10 3.57 -20.82
C ASP A 209 7.39 4.65 -20.04
N GLY A 210 6.48 4.29 -19.14
CA GLY A 210 5.72 5.26 -18.39
C GLY A 210 4.24 5.30 -18.69
N LYS A 211 3.73 4.38 -19.51
CA LYS A 211 2.30 4.33 -19.78
C LYS A 211 1.53 3.91 -18.54
N PHE A 212 0.41 4.57 -18.30
CA PHE A 212 -0.43 4.24 -17.15
C PHE A 212 -1.01 2.84 -17.32
N LEU A 213 -0.91 2.04 -16.26
CA LEU A 213 -1.50 0.70 -16.22
C LEU A 213 -2.63 0.59 -15.22
N SER A 214 -2.39 1.00 -13.97
CA SER A 214 -3.42 1.00 -12.93
C SER A 214 -2.95 1.91 -11.81
N ALA A 215 -3.80 2.08 -10.80
CA ALA A 215 -3.46 2.95 -9.69
C ALA A 215 -4.33 2.62 -8.49
N ASP A 216 -3.77 2.86 -7.30
CA ASP A 216 -4.50 2.83 -6.05
C ASP A 216 -4.40 4.20 -5.39
N THR A 217 -5.49 4.65 -4.79
CA THR A 217 -5.54 5.95 -4.15
C THR A 217 -6.05 5.81 -2.73
N VAL A 218 -5.49 6.60 -1.82
CA VAL A 218 -5.93 6.67 -0.43
C VAL A 218 -6.08 8.12 -0.05
N GLN A 219 -7.08 8.40 0.78
CA GLN A 219 -7.27 9.74 1.35
C GLN A 219 -6.62 9.77 2.72
N LEU A 220 -5.60 10.62 2.87
CA LEU A 220 -4.81 10.62 4.10
C LEU A 220 -5.65 11.08 5.29
N ASN A 221 -5.54 10.33 6.39
CA ASN A 221 -6.08 10.73 7.68
C ASN A 221 -4.90 11.12 8.55
N VAL A 222 -4.65 12.42 8.64
CA VAL A 222 -3.49 12.96 9.34
C VAL A 222 -3.98 13.64 10.60
N LYS A 223 -3.65 13.07 11.75
CA LYS A 223 -4.00 13.68 13.02
C LYS A 223 -3.16 14.93 13.26
N HIS A 224 -3.75 15.93 13.92
CA HIS A 224 -3.06 17.18 14.17
C HIS A 224 -3.73 17.91 15.33
N THR A 225 -2.92 18.66 16.07
CA THR A 225 -3.44 19.52 17.13
C THR A 225 -4.35 20.58 16.54
N PRO A 226 -5.28 21.12 17.34
CA PRO A 226 -6.21 22.10 16.80
C PRO A 226 -5.50 23.35 16.28
N LYS A 227 -5.88 23.75 15.08
CA LYS A 227 -5.41 25.01 14.49
C LYS A 227 -6.46 26.07 14.75
N LEU A 228 -6.07 27.15 15.41
CA LEU A 228 -7.01 28.07 16.04
C LEU A 228 -7.00 29.44 15.36
N GLU A 229 -8.16 30.08 15.37
CA GLU A 229 -8.31 31.46 14.91
C GLU A 229 -9.01 32.24 16.02
N ILE A 230 -8.33 33.27 16.53
CA ILE A 230 -8.85 34.07 17.64
C ILE A 230 -9.37 35.39 17.09
N LYS A 231 -10.53 35.81 17.58
CA LYS A 231 -11.15 37.07 17.18
C LYS A 231 -11.47 37.87 18.44
N VAL A 232 -11.49 39.20 18.29
CA VAL A 232 -11.68 40.10 19.42
C VAL A 232 -12.64 41.21 19.01
N THR A 233 -13.60 41.51 19.88
CA THR A 233 -14.50 42.65 19.71
C THR A 233 -14.27 43.60 20.88
N PRO A 234 -13.91 44.88 20.64
CA PRO A 234 -13.77 45.52 19.32
C PRO A 234 -12.60 45.00 18.48
N SER A 235 -12.66 45.28 17.17
CA SER A 235 -11.70 44.69 16.24
C SER A 235 -10.28 45.18 16.51
N ASP A 236 -10.12 46.46 16.85
CA ASP A 236 -8.80 47.03 17.05
C ASP A 236 -8.17 46.64 18.39
N ALA A 237 -8.92 45.95 19.26
CA ALA A 237 -8.45 45.53 20.58
C ALA A 237 -8.00 46.69 21.44
N ILE A 238 -8.50 47.90 21.16
CA ILE A 238 -8.18 49.10 21.91
C ILE A 238 -9.45 49.61 22.55
N VAL A 239 -9.48 49.63 23.88
CA VAL A 239 -10.65 50.03 24.65
C VAL A 239 -10.22 51.05 25.70
N ARG A 240 -11.20 51.60 26.41
CA ARG A 240 -10.97 52.39 27.61
C ARG A 240 -11.68 51.72 28.78
N GLU A 241 -11.33 52.16 29.99
CA GLU A 241 -11.81 51.51 31.20
C GLU A 241 -13.33 51.52 31.27
N GLY A 242 -13.89 50.43 31.78
CA GLY A 242 -15.32 50.27 31.90
C GLY A 242 -15.98 49.55 30.74
N ASP A 243 -15.37 49.56 29.56
CA ASP A 243 -15.95 48.92 28.39
C ASP A 243 -15.91 47.40 28.53
N SER A 244 -16.63 46.73 27.65
CA SER A 244 -16.67 45.27 27.59
C SER A 244 -15.84 44.78 26.40
N VAL A 245 -15.21 43.62 26.59
CA VAL A 245 -14.37 43.00 25.57
C VAL A 245 -14.79 41.55 25.44
N THR A 246 -15.01 41.10 24.20
CA THR A 246 -15.36 39.71 23.92
C THR A 246 -14.34 39.13 22.95
N MET A 247 -13.71 38.03 23.34
CA MET A 247 -12.79 37.29 22.48
C MET A 247 -13.32 35.89 22.27
N THR A 248 -13.23 35.41 21.04
CA THR A 248 -13.69 34.07 20.68
C THR A 248 -12.54 33.26 20.11
N CYS A 249 -12.63 31.94 20.29
CA CYS A 249 -11.60 31.00 19.88
C CYS A 249 -12.23 30.00 18.93
N GLU A 250 -11.92 30.11 17.65
CA GLU A 250 -12.51 29.27 16.62
C GLU A 250 -11.51 28.19 16.20
N VAL A 251 -11.97 26.95 16.15
CA VAL A 251 -11.17 25.83 15.70
C VAL A 251 -11.37 25.68 14.20
N SER A 252 -10.35 26.04 13.42
CA SER A 252 -10.42 25.92 11.97
C SER A 252 -10.14 24.50 11.50
N SER A 253 -9.41 23.70 12.28
CA SER A 253 -9.10 22.33 11.90
C SER A 253 -8.64 21.57 13.14
N SER A 254 -9.14 20.35 13.29
CA SER A 254 -8.76 19.50 14.42
C SER A 254 -9.04 18.06 14.05
N ASN A 255 -8.08 17.18 14.35
CA ASN A 255 -8.23 15.75 14.09
C ASN A 255 -7.43 14.96 15.12
N PRO A 256 -8.10 14.25 16.05
CA PRO A 256 -9.56 14.16 16.19
C PRO A 256 -10.20 15.42 16.77
N GLU A 257 -11.47 15.31 17.14
CA GLU A 257 -12.21 16.47 17.63
C GLU A 257 -11.63 16.97 18.95
N TYR A 258 -11.74 18.28 19.16
CA TYR A 258 -11.25 18.90 20.38
C TYR A 258 -12.02 18.39 21.59
N THR A 259 -11.40 18.54 22.77
CA THR A 259 -12.01 18.12 24.02
C THR A 259 -12.03 19.20 25.10
N THR A 260 -11.14 20.20 25.04
CA THR A 260 -11.08 21.20 26.08
C THR A 260 -10.48 22.49 25.52
N VAL A 261 -10.76 23.59 26.21
CA VAL A 261 -10.28 24.91 25.79
C VAL A 261 -9.98 25.72 27.04
N SER A 262 -8.92 26.52 26.98
CA SER A 262 -8.54 27.38 28.09
C SER A 262 -8.00 28.70 27.54
N TRP A 263 -7.91 29.70 28.42
CA TRP A 263 -7.46 31.03 28.05
C TRP A 263 -6.26 31.43 28.89
N LEU A 264 -5.34 32.17 28.28
CA LEU A 264 -4.13 32.63 28.94
C LEU A 264 -3.97 34.13 28.73
N LYS A 265 -3.40 34.79 29.74
CA LYS A 265 -3.09 36.21 29.68
C LYS A 265 -1.65 36.40 30.13
N ASP A 266 -0.78 36.77 29.19
CA ASP A 266 0.65 36.99 29.47
C ASP A 266 1.27 35.76 30.14
N GLY A 267 0.96 34.59 29.58
CA GLY A 267 1.50 33.33 30.08
C GLY A 267 0.80 32.78 31.30
N THR A 268 -0.24 33.44 31.81
CA THR A 268 -0.93 33.01 33.01
C THR A 268 -2.30 32.44 32.65
N SER A 269 -2.59 31.24 33.14
CA SER A 269 -3.86 30.60 32.87
C SER A 269 -5.00 31.35 33.56
N LEU A 270 -6.05 31.64 32.80
CA LEU A 270 -7.23 32.31 33.33
C LEU A 270 -8.19 31.26 33.87
N LYS A 271 -8.32 31.19 35.19
CA LYS A 271 -9.18 30.20 35.81
C LYS A 271 -10.65 30.53 35.55
N LYS A 272 -11.48 29.49 35.62
CA LYS A 272 -12.92 29.57 35.35
C LYS A 272 -13.23 30.05 33.94
N GLN A 273 -12.28 29.89 33.00
CA GLN A 273 -12.47 30.25 31.60
C GLN A 273 -12.18 29.01 30.77
N ASN A 274 -13.22 28.19 30.56
CA ASN A 274 -13.07 26.91 29.87
C ASN A 274 -14.06 26.77 28.73
N THR A 275 -14.51 27.89 28.17
CA THR A 275 -15.34 27.91 26.97
C THR A 275 -14.58 28.63 25.86
N PHE A 276 -15.12 28.53 24.65
CA PHE A 276 -14.50 29.16 23.48
C PHE A 276 -14.77 30.66 23.41
N THR A 277 -15.29 31.27 24.47
CA THR A 277 -15.57 32.70 24.50
C THR A 277 -15.05 33.28 25.82
N LEU A 278 -14.22 34.31 25.72
CA LEU A 278 -13.72 35.04 26.88
C LEU A 278 -14.39 36.41 26.91
N ASN A 279 -15.11 36.69 27.99
CA ASN A 279 -15.82 37.95 28.16
C ASN A 279 -15.21 38.71 29.32
N LEU A 280 -14.72 39.92 29.05
CA LEU A 280 -14.16 40.82 30.06
C LEU A 280 -15.11 41.99 30.23
N ARG A 281 -15.65 42.15 31.44
CA ARG A 281 -16.61 43.20 31.74
C ARG A 281 -15.99 44.26 32.62
N GLU A 282 -16.23 45.52 32.28
CA GLU A 282 -15.72 46.67 33.04
C GLU A 282 -14.20 46.57 33.21
N VAL A 283 -13.51 46.63 32.07
CA VAL A 283 -12.08 46.33 32.05
C VAL A 283 -11.31 47.43 32.75
N THR A 284 -10.26 47.02 33.47
CA THR A 284 -9.32 47.93 34.08
C THR A 284 -8.03 47.96 33.27
N LYS A 285 -7.16 48.93 33.59
CA LYS A 285 -5.87 49.00 32.92
C LYS A 285 -4.97 47.83 33.29
N ASP A 286 -5.28 47.10 34.35
CA ASP A 286 -4.54 45.89 34.69
C ASP A 286 -4.87 44.73 33.77
N GLN A 287 -6.10 44.69 33.24
CA GLN A 287 -6.50 43.63 32.33
C GLN A 287 -5.88 43.78 30.94
N SER A 288 -5.11 44.84 30.70
CA SER A 288 -4.35 44.94 29.47
C SER A 288 -3.27 43.86 29.42
N GLY A 289 -2.91 43.46 28.22
CA GLY A 289 -1.89 42.44 28.03
C GLY A 289 -2.13 41.66 26.76
N LYS A 290 -1.47 40.52 26.67
CA LYS A 290 -1.55 39.64 25.51
C LYS A 290 -2.39 38.42 25.87
N TYR A 291 -3.47 38.21 25.11
CA TYR A 291 -4.39 37.11 25.36
C TYR A 291 -4.30 36.08 24.23
N CYS A 292 -4.53 34.82 24.59
CA CYS A 292 -4.58 33.74 23.61
C CYS A 292 -5.38 32.59 24.20
N CYS A 293 -5.88 31.74 23.32
CA CYS A 293 -6.60 30.54 23.73
C CYS A 293 -5.81 29.29 23.37
N GLN A 294 -6.05 28.23 24.13
CA GLN A 294 -5.41 26.94 23.89
C GLN A 294 -6.47 25.85 23.87
N VAL A 295 -6.46 25.05 22.81
CA VAL A 295 -7.43 23.97 22.62
C VAL A 295 -6.67 22.67 22.41
N SER A 296 -7.12 21.61 23.08
CA SER A 296 -6.44 20.33 23.07
C SER A 296 -7.34 19.24 22.52
N ASN A 297 -6.75 18.30 21.80
CA ASN A 297 -7.45 17.09 21.36
C ASN A 297 -6.58 15.89 21.75
N ASP A 298 -6.85 14.75 21.13
CA ASP A 298 -6.11 13.53 21.48
C ASP A 298 -4.64 13.64 21.10
N VAL A 299 -4.31 14.43 20.07
CA VAL A 299 -2.92 14.60 19.67
C VAL A 299 -2.18 15.45 20.69
N GLY A 300 -2.74 16.61 21.02
CA GLY A 300 -2.11 17.52 21.95
C GLY A 300 -2.70 18.90 21.89
N PRO A 301 -2.11 19.85 22.63
CA PRO A 301 -2.65 21.20 22.69
C PRO A 301 -2.15 22.08 21.55
N GLY A 302 -3.02 23.01 21.14
CA GLY A 302 -2.64 24.03 20.18
C GLY A 302 -2.85 25.40 20.78
N ARG A 303 -2.26 26.44 20.19
CA ARG A 303 -2.42 27.79 20.68
C ARG A 303 -2.73 28.73 19.53
N SER A 304 -3.61 29.68 19.76
CA SER A 304 -3.91 30.70 18.76
C SER A 304 -2.87 31.81 18.80
N GLU A 305 -2.98 32.75 17.87
CA GLU A 305 -2.15 33.94 17.93
C GLU A 305 -2.60 34.82 19.10
N GLU A 306 -1.73 35.75 19.47
CA GLU A 306 -1.98 36.62 20.62
C GLU A 306 -2.72 37.87 20.21
N VAL A 307 -3.64 38.31 21.06
CA VAL A 307 -4.35 39.57 20.91
C VAL A 307 -3.82 40.53 21.97
N PHE A 308 -3.31 41.67 21.52
CA PHE A 308 -2.74 42.67 22.42
C PHE A 308 -3.85 43.66 22.81
N LEU A 309 -4.54 43.34 23.89
CA LEU A 309 -5.61 44.20 24.39
C LEU A 309 -5.03 45.40 25.12
N GLN A 310 -5.48 46.60 24.75
CA GLN A 310 -4.99 47.83 25.33
C GLN A 310 -6.15 48.57 25.98
N VAL A 311 -6.01 48.90 27.27
CA VAL A 311 -7.02 49.63 28.02
C VAL A 311 -6.46 51.03 28.25
N GLN A 312 -6.94 51.99 27.48
CA GLN A 312 -6.46 53.37 27.59
C GLN A 312 -7.06 54.08 28.80
#